data_2L79
#
_entry.id   2L79
#
_entity_poly.entity_id   1
_entity_poly.type   'polypeptide(L)'
_entity_poly.pdbx_seq_one_letter_code
;GIHKQKEKSRLQGGVLVNEILNHMKRATQIPSYKKLIMY
;
_entity_poly.pdbx_strand_id   A
#
# COMPACT_ATOMS: atom_id res chain seq x y z
N GLY A 1 6.25 -20.07 -6.86
CA GLY A 1 6.18 -19.79 -5.44
C GLY A 1 6.02 -18.31 -5.14
N ILE A 2 4.96 -17.71 -5.67
CA ILE A 2 4.70 -16.29 -5.45
C ILE A 2 4.68 -15.95 -3.96
N HIS A 3 4.27 -16.92 -3.15
CA HIS A 3 4.20 -16.72 -1.70
C HIS A 3 5.58 -16.92 -1.06
N LYS A 4 6.04 -15.90 -0.34
CA LYS A 4 7.33 -15.96 0.32
C LYS A 4 7.17 -16.15 1.82
N GLN A 5 8.28 -16.34 2.52
CA GLN A 5 8.26 -16.53 3.96
C GLN A 5 7.88 -15.23 4.67
N LYS A 6 7.41 -15.36 5.91
CA LYS A 6 7.00 -14.20 6.70
C LYS A 6 7.65 -14.23 8.08
N GLU A 7 7.80 -13.05 8.67
CA GLU A 7 8.41 -12.94 10.00
C GLU A 7 7.43 -12.32 10.99
N LYS A 8 6.65 -11.36 10.53
CA LYS A 8 5.67 -10.69 11.38
C LYS A 8 4.26 -11.17 11.07
N SER A 9 3.28 -10.69 11.84
CA SER A 9 1.89 -11.07 11.65
C SER A 9 1.35 -10.52 10.33
N ARG A 10 0.30 -11.14 9.82
CA ARG A 10 -0.32 -10.72 8.57
C ARG A 10 -1.57 -11.52 8.27
N LEU A 11 -2.72 -10.86 8.27
CA LEU A 11 -3.99 -11.51 8.00
C LEU A 11 -4.48 -11.19 6.59
N GLN A 12 -5.42 -11.99 6.11
CA GLN A 12 -5.98 -11.78 4.77
C GLN A 12 -6.38 -10.32 4.57
N GLY A 13 -7.25 -9.83 5.45
CA GLY A 13 -7.70 -8.45 5.35
C GLY A 13 -6.55 -7.48 5.17
N GLY A 14 -5.40 -7.80 5.75
CA GLY A 14 -4.24 -6.94 5.63
C GLY A 14 -3.97 -6.51 4.21
N VAL A 15 -4.30 -7.38 3.26
CA VAL A 15 -4.08 -7.08 1.85
C VAL A 15 -4.64 -5.71 1.48
N LEU A 16 -5.70 -5.30 2.18
CA LEU A 16 -6.33 -4.01 1.93
C LEU A 16 -5.27 -2.90 1.89
N VAL A 17 -4.22 -3.05 2.69
CA VAL A 17 -3.15 -2.08 2.74
C VAL A 17 -2.69 -1.69 1.34
N ASN A 18 -2.74 -2.65 0.42
CA ASN A 18 -2.33 -2.42 -0.96
C ASN A 18 -2.96 -1.14 -1.51
N GLU A 19 -4.18 -0.85 -1.06
CA GLU A 19 -4.89 0.34 -1.50
C GLU A 19 -4.00 1.57 -1.42
N ILE A 20 -3.02 1.54 -0.53
CA ILE A 20 -2.09 2.65 -0.35
C ILE A 20 -1.56 3.13 -1.69
N LEU A 21 -1.25 2.20 -2.57
CA LEU A 21 -0.74 2.52 -3.90
C LEU A 21 -1.62 3.57 -4.58
N ASN A 22 -2.92 3.37 -4.50
CA ASN A 22 -3.88 4.30 -5.11
C ASN A 22 -3.58 5.73 -4.69
N HIS A 23 -3.76 6.01 -3.40
CA HIS A 23 -3.51 7.34 -2.87
C HIS A 23 -2.13 7.84 -3.26
N MET A 24 -1.15 6.94 -3.23
CA MET A 24 0.22 7.29 -3.58
C MET A 24 0.27 8.00 -4.93
N LYS A 25 -0.66 7.65 -5.81
CA LYS A 25 -0.73 8.26 -7.14
C LYS A 25 -0.63 9.78 -7.05
N ARG A 26 -1.43 10.36 -6.16
CA ARG A 26 -1.43 11.81 -5.99
C ARG A 26 -0.01 12.34 -5.85
N ALA A 27 0.73 11.80 -4.88
CA ALA A 27 2.10 12.23 -4.65
C ALA A 27 2.97 11.94 -5.86
N THR A 28 2.68 10.86 -6.56
CA THR A 28 3.44 10.48 -7.74
C THR A 28 3.40 11.58 -8.80
N GLN A 29 2.38 12.43 -8.72
CA GLN A 29 2.22 13.53 -9.67
C GLN A 29 3.14 14.69 -9.32
N ILE A 30 3.72 14.64 -8.12
CA ILE A 30 4.62 15.68 -7.66
C ILE A 30 5.26 15.32 -6.32
N PRO A 31 6.32 14.51 -6.38
CA PRO A 31 7.04 14.06 -5.18
C PRO A 31 7.82 15.19 -4.53
N SER A 32 8.54 14.87 -3.44
CA SER A 32 9.32 15.87 -2.72
C SER A 32 10.79 15.78 -3.10
N TYR A 33 11.05 15.32 -4.32
CA TYR A 33 12.42 15.18 -4.81
C TYR A 33 13.06 16.55 -5.03
N LYS A 34 14.25 16.55 -5.62
CA LYS A 34 14.96 17.79 -5.89
C LYS A 34 14.68 18.29 -7.31
N LYS A 35 14.23 19.53 -7.42
CA LYS A 35 13.92 20.12 -8.70
C LYS A 35 14.94 21.19 -9.07
N LEU A 36 15.16 21.39 -10.36
CA LEU A 36 16.10 22.38 -10.85
C LEU A 36 15.44 23.33 -11.84
N ILE A 37 15.12 22.82 -13.03
CA ILE A 37 14.49 23.62 -14.06
C ILE A 37 13.02 23.24 -14.22
N MET A 38 12.21 24.21 -14.62
CA MET A 38 10.77 23.97 -14.82
C MET A 38 10.45 23.86 -16.30
N TYR A 39 11.13 24.66 -17.11
CA TYR A 39 10.90 24.66 -18.56
C TYR A 39 11.38 23.33 -19.18
N GLY A 1 6.40 -21.72 1.79
CA GLY A 1 7.04 -22.00 3.05
C GLY A 1 7.69 -20.78 3.66
N ILE A 2 7.25 -19.60 3.23
CA ILE A 2 7.79 -18.35 3.74
C ILE A 2 6.69 -17.36 4.05
N HIS A 3 6.71 -16.83 5.28
CA HIS A 3 5.70 -15.86 5.71
C HIS A 3 4.30 -16.45 5.60
N LYS A 4 4.16 -17.71 6.02
CA LYS A 4 2.87 -18.39 5.97
C LYS A 4 2.32 -18.62 7.37
N GLN A 5 3.18 -19.11 8.26
CA GLN A 5 2.78 -19.37 9.64
C GLN A 5 2.94 -18.12 10.50
N LYS A 6 1.85 -17.70 11.14
CA LYS A 6 1.87 -16.52 11.99
C LYS A 6 1.16 -16.79 13.31
N GLU A 7 1.12 -15.78 14.18
CA GLU A 7 0.47 -15.93 15.48
C GLU A 7 -1.04 -15.82 15.34
N LYS A 8 -1.51 -14.67 14.88
CA LYS A 8 -2.94 -14.44 14.71
C LYS A 8 -3.56 -15.51 13.81
N SER A 9 -4.89 -15.58 13.81
CA SER A 9 -5.60 -16.57 13.00
C SER A 9 -5.28 -16.37 11.52
N ARG A 10 -5.58 -15.18 11.01
CA ARG A 10 -5.34 -14.86 9.61
C ARG A 10 -5.30 -13.35 9.39
N LEU A 11 -4.47 -12.92 8.45
CA LEU A 11 -4.31 -11.50 8.14
C LEU A 11 -4.70 -11.21 6.70
N GLN A 12 -5.57 -12.06 6.15
CA GLN A 12 -6.03 -11.89 4.78
C GLN A 12 -6.46 -10.45 4.51
N GLY A 13 -7.41 -9.97 5.32
CA GLY A 13 -7.89 -8.61 5.16
C GLY A 13 -6.77 -7.60 5.03
N GLY A 14 -5.64 -7.88 5.71
CA GLY A 14 -4.51 -6.98 5.65
C GLY A 14 -4.16 -6.56 4.24
N VAL A 15 -4.39 -7.46 3.29
CA VAL A 15 -4.11 -7.18 1.89
C VAL A 15 -4.65 -5.83 1.46
N LEU A 16 -5.79 -5.46 2.03
CA LEU A 16 -6.41 -4.18 1.72
C LEU A 16 -5.41 -3.05 1.78
N VAL A 17 -4.42 -3.17 2.68
CA VAL A 17 -3.40 -2.16 2.83
C VAL A 17 -2.81 -1.75 1.48
N ASN A 18 -2.71 -2.71 0.58
CA ASN A 18 -2.18 -2.46 -0.76
C ASN A 18 -2.82 -1.23 -1.38
N GLU A 19 -4.09 -1.00 -1.05
CA GLU A 19 -4.82 0.15 -1.58
C GLU A 19 -4.00 1.43 -1.42
N ILE A 20 -3.12 1.45 -0.43
CA ILE A 20 -2.27 2.61 -0.18
C ILE A 20 -1.64 3.12 -1.48
N LEU A 21 -1.19 2.19 -2.30
CA LEU A 21 -0.57 2.54 -3.57
C LEU A 21 -1.42 3.53 -4.35
N ASN A 22 -2.73 3.27 -4.40
CA ASN A 22 -3.66 4.14 -5.11
C ASN A 22 -3.49 5.59 -4.68
N HIS A 23 -3.80 5.86 -3.42
CA HIS A 23 -3.68 7.22 -2.88
C HIS A 23 -2.29 7.78 -3.15
N MET A 24 -1.27 6.94 -2.99
CA MET A 24 0.11 7.35 -3.22
C MET A 24 0.25 8.05 -4.57
N LYS A 25 -0.58 7.65 -5.53
CA LYS A 25 -0.54 8.23 -6.86
C LYS A 25 -0.54 9.75 -6.79
N ARG A 26 -1.22 10.30 -5.78
CA ARG A 26 -1.30 11.74 -5.60
C ARG A 26 0.09 12.37 -5.66
N ALA A 27 1.09 11.63 -5.22
CA ALA A 27 2.47 12.12 -5.23
C ALA A 27 3.14 11.85 -6.57
N THR A 28 2.34 11.86 -7.64
CA THR A 28 2.86 11.62 -8.98
C THR A 28 3.91 12.65 -9.37
N GLN A 29 3.85 13.81 -8.70
CA GLN A 29 4.79 14.89 -8.99
C GLN A 29 6.19 14.53 -8.51
N ILE A 30 6.29 13.45 -7.72
CA ILE A 30 7.57 13.00 -7.20
C ILE A 30 7.45 11.61 -6.59
N PRO A 31 7.42 10.58 -7.45
CA PRO A 31 7.31 9.18 -7.01
C PRO A 31 8.58 8.69 -6.32
N SER A 32 8.41 7.98 -5.22
CA SER A 32 9.54 7.45 -4.46
C SER A 32 9.41 5.94 -4.28
N TYR A 33 8.74 5.29 -5.22
CA TYR A 33 8.55 3.84 -5.16
C TYR A 33 9.45 3.14 -6.17
N LYS A 34 9.21 1.84 -6.36
CA LYS A 34 10.00 1.05 -7.30
C LYS A 34 9.09 0.24 -8.23
N LYS A 35 9.46 0.17 -9.50
CA LYS A 35 8.68 -0.58 -10.49
C LYS A 35 9.41 -1.86 -10.90
N LEU A 36 10.68 -1.72 -11.26
CA LEU A 36 11.49 -2.86 -11.67
C LEU A 36 11.85 -3.74 -10.47
N ILE A 37 11.92 -3.12 -9.29
CA ILE A 37 12.25 -3.84 -8.08
C ILE A 37 11.00 -4.19 -7.28
N MET A 38 9.89 -4.39 -8.00
CA MET A 38 8.62 -4.74 -7.36
C MET A 38 8.72 -6.07 -6.64
N TYR A 39 9.76 -6.85 -6.98
CA TYR A 39 9.96 -8.16 -6.37
C TYR A 39 10.39 -8.02 -4.90
N GLY A 1 -20.70 -7.74 -2.99
CA GLY A 1 -21.16 -6.95 -1.86
C GLY A 1 -20.27 -5.76 -1.56
N ILE A 2 -20.88 -4.61 -1.31
CA ILE A 2 -20.12 -3.40 -1.02
C ILE A 2 -20.24 -3.03 0.46
N HIS A 3 -21.32 -3.46 1.09
CA HIS A 3 -21.56 -3.17 2.49
C HIS A 3 -21.26 -4.39 3.36
N LYS A 4 -20.30 -4.25 4.27
CA LYS A 4 -19.92 -5.35 5.15
C LYS A 4 -19.01 -4.85 6.27
N GLN A 5 -19.01 -5.56 7.39
CA GLN A 5 -18.17 -5.19 8.53
C GLN A 5 -17.32 -6.37 8.98
N LYS A 6 -16.06 -6.09 9.30
CA LYS A 6 -15.14 -7.13 9.75
C LYS A 6 -13.80 -6.52 10.17
N GLU A 7 -13.14 -7.16 11.14
CA GLU A 7 -11.85 -6.69 11.62
C GLU A 7 -10.75 -7.69 11.30
N LYS A 8 -10.35 -7.74 10.03
CA LYS A 8 -9.30 -8.65 9.60
C LYS A 8 -8.06 -7.88 9.14
N SER A 9 -7.21 -7.53 10.11
CA SER A 9 -5.98 -6.79 9.81
C SER A 9 -4.83 -7.75 9.52
N ARG A 10 -4.40 -8.47 10.55
CA ARG A 10 -3.31 -9.42 10.41
C ARG A 10 -3.67 -10.54 9.44
N LEU A 11 -4.97 -10.80 9.31
CA LEU A 11 -5.45 -11.85 8.42
C LEU A 11 -5.34 -11.42 6.96
N GLN A 12 -5.85 -12.25 6.06
CA GLN A 12 -5.81 -11.95 4.63
C GLN A 12 -6.29 -10.52 4.36
N GLY A 13 -7.28 -10.08 5.12
CA GLY A 13 -7.81 -8.74 4.96
C GLY A 13 -6.72 -7.69 4.90
N GLY A 14 -5.63 -7.92 5.61
CA GLY A 14 -4.52 -6.98 5.61
C GLY A 14 -4.13 -6.54 4.22
N VAL A 15 -4.28 -7.44 3.25
CA VAL A 15 -3.93 -7.14 1.87
C VAL A 15 -4.53 -5.81 1.42
N LEU A 16 -5.68 -5.47 1.98
CA LEU A 16 -6.36 -4.22 1.65
C LEU A 16 -5.39 -3.05 1.72
N VAL A 17 -4.42 -3.13 2.64
CA VAL A 17 -3.43 -2.08 2.80
C VAL A 17 -2.83 -1.67 1.47
N ASN A 18 -2.72 -2.64 0.56
CA ASN A 18 -2.15 -2.39 -0.76
C ASN A 18 -2.80 -1.15 -1.40
N GLU A 19 -4.08 -0.94 -1.10
CA GLU A 19 -4.81 0.20 -1.64
C GLU A 19 -4.00 1.49 -1.47
N ILE A 20 -3.15 1.52 -0.46
CA ILE A 20 -2.31 2.69 -0.19
C ILE A 20 -1.66 3.20 -1.47
N LEU A 21 -1.19 2.28 -2.30
CA LEU A 21 -0.54 2.64 -3.56
C LEU A 21 -1.40 3.62 -4.36
N ASN A 22 -2.70 3.33 -4.43
CA ASN A 22 -3.62 4.19 -5.16
C ASN A 22 -3.48 5.64 -4.72
N HIS A 23 -3.82 5.92 -3.46
CA HIS A 23 -3.73 7.28 -2.92
C HIS A 23 -2.34 7.85 -3.15
N MET A 24 -1.32 7.02 -2.99
CA MET A 24 0.05 7.46 -3.19
C MET A 24 0.22 8.16 -4.53
N LYS A 25 -0.57 7.74 -5.51
CA LYS A 25 -0.52 8.33 -6.84
C LYS A 25 -0.54 9.86 -6.77
N ARG A 26 -1.25 10.39 -5.78
CA ARG A 26 -1.34 11.83 -5.60
C ARG A 26 0.04 12.47 -5.66
N ALA A 27 1.05 11.75 -5.18
CA ALA A 27 2.42 12.25 -5.18
C ALA A 27 3.06 12.10 -6.55
N THR A 28 2.79 10.97 -7.20
CA THR A 28 3.35 10.71 -8.53
C THR A 28 2.76 11.65 -9.57
N GLN A 29 1.60 12.22 -9.25
CA GLN A 29 0.94 13.15 -10.17
C GLN A 29 1.06 12.67 -11.61
N ILE A 30 1.03 11.35 -11.79
CA ILE A 30 1.13 10.75 -13.12
C ILE A 30 0.28 9.48 -13.22
N PRO A 31 -1.04 9.66 -13.34
CA PRO A 31 -1.98 8.54 -13.45
C PRO A 31 -1.85 7.81 -14.78
N SER A 32 -2.78 6.90 -15.04
CA SER A 32 -2.77 6.13 -16.28
C SER A 32 -4.10 6.27 -17.02
N TYR A 33 -4.77 7.39 -16.80
CA TYR A 33 -6.05 7.67 -17.45
C TYR A 33 -5.95 7.48 -18.96
N LYS A 34 -4.83 7.92 -19.52
CA LYS A 34 -4.60 7.81 -20.96
C LYS A 34 -5.83 8.24 -21.75
N LYS A 35 -5.97 9.54 -21.97
CA LYS A 35 -7.11 10.08 -22.70
C LYS A 35 -6.94 9.86 -24.20
N LEU A 36 -5.68 9.76 -24.64
CA LEU A 36 -5.39 9.54 -26.05
C LEU A 36 -5.97 8.21 -26.53
N ILE A 37 -6.04 7.24 -25.63
CA ILE A 37 -6.59 5.93 -25.95
C ILE A 37 -7.84 5.63 -25.14
N MET A 38 -8.91 5.24 -25.84
CA MET A 38 -10.17 4.93 -25.19
C MET A 38 -10.25 3.44 -24.85
N TYR A 39 -9.54 2.63 -25.63
CA TYR A 39 -9.53 1.18 -25.41
C TYR A 39 -8.56 0.81 -24.30
N GLY A 1 -20.84 -0.66 -1.46
CA GLY A 1 -21.95 -1.60 -1.37
C GLY A 1 -22.25 -2.00 0.07
N ILE A 2 -23.47 -1.72 0.52
CA ILE A 2 -23.87 -2.06 1.88
C ILE A 2 -24.59 -3.40 1.92
N HIS A 3 -24.26 -4.21 2.92
CA HIS A 3 -24.88 -5.52 3.09
C HIS A 3 -24.89 -5.94 4.55
N LYS A 4 -25.88 -6.74 4.92
CA LYS A 4 -26.00 -7.22 6.30
C LYS A 4 -25.73 -8.71 6.38
N GLN A 5 -24.46 -9.07 6.57
CA GLN A 5 -24.06 -10.46 6.68
C GLN A 5 -22.82 -10.61 7.55
N LYS A 6 -22.73 -11.71 8.27
CA LYS A 6 -21.60 -11.98 9.15
C LYS A 6 -20.30 -11.98 8.36
N GLU A 7 -19.32 -11.22 8.83
CA GLU A 7 -18.02 -11.14 8.16
C GLU A 7 -16.94 -11.81 9.00
N LYS A 8 -15.84 -12.18 8.35
CA LYS A 8 -14.73 -12.82 9.04
C LYS A 8 -13.57 -13.07 8.07
N SER A 9 -12.47 -12.36 8.27
CA SER A 9 -11.30 -12.50 7.42
C SER A 9 -10.02 -12.44 8.25
N ARG A 10 -8.89 -12.74 7.61
CA ARG A 10 -7.59 -12.71 8.29
C ARG A 10 -7.07 -11.28 8.42
N LEU A 11 -6.59 -10.94 9.60
CA LEU A 11 -6.06 -9.61 9.86
C LEU A 11 -4.62 -9.49 9.37
N GLN A 12 -3.84 -10.54 9.62
CA GLN A 12 -2.43 -10.55 9.20
C GLN A 12 -2.30 -10.12 7.75
N GLY A 13 -2.99 -10.81 6.86
CA GLY A 13 -2.93 -10.48 5.44
C GLY A 13 -3.12 -9.00 5.18
N GLY A 14 -4.22 -8.45 5.69
CA GLY A 14 -4.49 -7.04 5.50
C GLY A 14 -4.12 -6.56 4.10
N VAL A 15 -4.30 -7.43 3.12
CA VAL A 15 -3.98 -7.09 1.73
C VAL A 15 -4.58 -5.75 1.34
N LEU A 16 -5.73 -5.44 1.93
CA LEU A 16 -6.42 -4.18 1.65
C LEU A 16 -5.45 -3.01 1.72
N VAL A 17 -4.47 -3.11 2.60
CA VAL A 17 -3.47 -2.06 2.77
C VAL A 17 -2.92 -1.61 1.42
N ASN A 18 -2.83 -2.53 0.48
CA ASN A 18 -2.32 -2.24 -0.85
C ASN A 18 -2.98 -0.98 -1.42
N GLU A 19 -4.23 -0.73 -1.03
CA GLU A 19 -4.97 0.42 -1.49
C GLU A 19 -4.13 1.70 -1.34
N ILE A 20 -3.26 1.70 -0.34
CA ILE A 20 -2.40 2.86 -0.09
C ILE A 20 -1.72 3.33 -1.36
N LEU A 21 -1.22 2.37 -2.14
CA LEU A 21 -0.54 2.69 -3.40
C LEU A 21 -1.39 3.63 -4.25
N ASN A 22 -2.67 3.30 -4.40
CA ASN A 22 -3.58 4.13 -5.18
C ASN A 22 -3.47 5.60 -4.78
N HIS A 23 -3.84 5.89 -3.55
CA HIS A 23 -3.79 7.27 -3.05
C HIS A 23 -2.40 7.86 -3.25
N MET A 24 -1.37 7.05 -3.02
CA MET A 24 0.00 7.50 -3.19
C MET A 24 0.21 8.16 -4.54
N LYS A 25 -0.56 7.71 -5.54
CA LYS A 25 -0.47 8.26 -6.89
C LYS A 25 -0.50 9.79 -6.85
N ARG A 26 -1.26 10.34 -5.91
CA ARG A 26 -1.37 11.79 -5.77
C ARG A 26 0.00 12.45 -5.79
N ALA A 27 0.99 11.77 -5.20
CA ALA A 27 2.34 12.29 -5.15
C ALA A 27 3.10 11.96 -6.43
N THR A 28 2.83 10.78 -6.99
CA THR A 28 3.49 10.34 -8.21
C THR A 28 3.08 11.19 -9.40
N GLN A 29 1.93 11.84 -9.29
CA GLN A 29 1.42 12.69 -10.36
C GLN A 29 2.10 14.06 -10.32
N ILE A 30 2.95 14.26 -9.33
CA ILE A 30 3.66 15.53 -9.18
C ILE A 30 2.69 16.67 -8.90
N PRO A 31 2.19 16.73 -7.67
CA PRO A 31 1.25 17.77 -7.24
C PRO A 31 1.91 19.14 -7.14
N SER A 32 1.22 20.17 -7.61
CA SER A 32 1.74 21.52 -7.58
C SER A 32 0.77 22.46 -6.87
N TYR A 33 -0.04 21.91 -5.98
CA TYR A 33 -1.01 22.69 -5.22
C TYR A 33 -0.35 23.43 -4.07
N LYS A 34 -1.17 24.01 -3.20
CA LYS A 34 -0.67 24.74 -2.04
C LYS A 34 -0.21 23.79 -0.95
N LYS A 35 0.84 23.02 -1.25
CA LYS A 35 1.40 22.07 -0.30
C LYS A 35 1.95 22.79 0.94
N LEU A 36 3.06 23.49 0.75
CA LEU A 36 3.69 24.22 1.85
C LEU A 36 3.85 25.70 1.49
N ILE A 37 4.69 25.98 0.51
CA ILE A 37 4.93 27.34 0.07
C ILE A 37 4.35 27.59 -1.32
N MET A 38 4.54 28.81 -1.83
CA MET A 38 4.02 29.16 -3.15
C MET A 38 5.14 29.07 -4.19
N TYR A 39 6.35 29.43 -3.79
CA TYR A 39 7.49 29.39 -4.70
C TYR A 39 7.66 28.00 -5.31
N GLY A 1 17.13 -19.38 13.17
CA GLY A 1 15.81 -18.89 13.57
C GLY A 1 15.41 -17.64 12.80
N ILE A 2 14.33 -17.01 13.23
CA ILE A 2 13.84 -15.80 12.57
C ILE A 2 14.58 -14.57 13.08
N HIS A 3 14.95 -13.69 12.16
CA HIS A 3 15.65 -12.45 12.51
C HIS A 3 14.80 -11.23 12.19
N LYS A 4 13.55 -11.25 12.64
CA LYS A 4 12.64 -10.14 12.40
C LYS A 4 12.52 -9.83 10.91
N GLN A 5 12.35 -10.87 10.11
CA GLN A 5 12.24 -10.71 8.66
C GLN A 5 10.88 -10.13 8.29
N LYS A 6 10.88 -8.89 7.81
CA LYS A 6 9.64 -8.23 7.41
C LYS A 6 9.04 -8.89 6.18
N GLU A 7 7.98 -8.28 5.65
CA GLU A 7 7.30 -8.82 4.47
C GLU A 7 6.78 -10.23 4.74
N LYS A 8 6.24 -10.44 5.93
CA LYS A 8 5.69 -11.73 6.31
C LYS A 8 4.37 -12.00 5.59
N SER A 9 3.85 -13.21 5.76
CA SER A 9 2.59 -13.60 5.12
C SER A 9 1.41 -13.28 6.03
N ARG A 10 0.44 -12.54 5.50
CA ARG A 10 -0.74 -12.16 6.26
C ARG A 10 -2.02 -12.59 5.53
N LEU A 11 -3.13 -12.60 6.27
CA LEU A 11 -4.41 -13.00 5.70
C LEU A 11 -4.80 -12.08 4.54
N GLN A 12 -5.82 -12.49 3.78
CA GLN A 12 -6.28 -11.70 2.65
C GLN A 12 -6.48 -10.24 3.04
N GLY A 13 -6.91 -10.03 4.28
CA GLY A 13 -7.13 -8.68 4.77
C GLY A 13 -5.97 -7.75 4.46
N GLY A 14 -4.77 -8.30 4.45
CA GLY A 14 -3.58 -7.50 4.16
C GLY A 14 -3.76 -6.63 2.93
N VAL A 15 -4.51 -7.13 1.95
CA VAL A 15 -4.76 -6.39 0.72
C VAL A 15 -5.16 -4.95 1.02
N LEU A 16 -5.89 -4.75 2.12
CA LEU A 16 -6.34 -3.43 2.51
C LEU A 16 -5.20 -2.42 2.46
N VAL A 17 -4.12 -2.71 3.20
CA VAL A 17 -2.96 -1.83 3.23
C VAL A 17 -2.52 -1.45 1.82
N ASN A 18 -2.51 -2.44 0.93
CA ASN A 18 -2.11 -2.21 -0.45
C ASN A 18 -2.81 -0.98 -1.03
N GLU A 19 -4.03 -0.73 -0.56
CA GLU A 19 -4.80 0.42 -1.03
C GLU A 19 -3.96 1.69 -1.01
N ILE A 20 -3.02 1.75 -0.08
CA ILE A 20 -2.15 2.92 0.05
C ILE A 20 -1.57 3.32 -1.30
N LEU A 21 -1.13 2.33 -2.07
CA LEU A 21 -0.55 2.58 -3.39
C LEU A 21 -1.46 3.49 -4.21
N ASN A 22 -2.76 3.16 -4.24
CA ASN A 22 -3.72 3.95 -4.99
C ASN A 22 -3.59 5.43 -4.68
N HIS A 23 -3.86 5.80 -3.42
CA HIS A 23 -3.76 7.18 -3.00
C HIS A 23 -2.40 7.76 -3.34
N MET A 24 -1.35 6.96 -3.16
CA MET A 24 0.01 7.40 -3.45
C MET A 24 0.09 7.99 -4.86
N LYS A 25 -0.75 7.50 -5.76
CA LYS A 25 -0.76 7.99 -7.13
C LYS A 25 -0.80 9.52 -7.17
N ARG A 26 -1.72 10.09 -6.40
CA ARG A 26 -1.87 11.54 -6.34
C ARG A 26 -0.51 12.21 -6.16
N ALA A 27 0.38 11.55 -5.41
CA ALA A 27 1.72 12.09 -5.16
C ALA A 27 2.66 11.77 -6.31
N THR A 28 2.74 10.50 -6.67
CA THR A 28 3.61 10.07 -7.76
C THR A 28 4.93 10.83 -7.74
N GLN A 29 5.41 11.14 -6.54
CA GLN A 29 6.66 11.87 -6.38
C GLN A 29 7.86 10.99 -6.76
N ILE A 30 7.60 9.70 -6.93
CA ILE A 30 8.65 8.75 -7.29
C ILE A 30 8.18 7.81 -8.39
N PRO A 31 8.05 8.34 -9.62
CA PRO A 31 7.61 7.56 -10.78
C PRO A 31 8.66 6.55 -11.22
N SER A 32 8.42 5.93 -12.37
CA SER A 32 9.34 4.93 -12.91
C SER A 32 10.28 5.56 -13.94
N TYR A 33 10.52 6.86 -13.79
CA TYR A 33 11.39 7.58 -14.71
C TYR A 33 12.73 6.84 -14.88
N LYS A 34 13.23 6.28 -13.78
CA LYS A 34 14.49 5.55 -13.81
C LYS A 34 15.54 6.32 -14.58
N LYS A 35 16.21 7.25 -13.90
CA LYS A 35 17.25 8.06 -14.52
C LYS A 35 18.57 7.28 -14.63
N LEU A 36 19.24 7.11 -13.51
CA LEU A 36 20.50 6.37 -13.47
C LEU A 36 20.26 4.89 -13.27
N ILE A 37 19.23 4.56 -12.50
CA ILE A 37 18.89 3.16 -12.24
C ILE A 37 18.61 2.40 -13.53
N MET A 38 19.28 1.26 -13.69
CA MET A 38 19.12 0.44 -14.88
C MET A 38 17.90 -0.46 -14.75
N TYR A 39 17.53 -0.77 -13.52
CA TYR A 39 16.38 -1.63 -13.25
C TYR A 39 15.09 -1.01 -13.78
N GLY A 1 10.44 -11.48 10.50
CA GLY A 1 10.97 -12.30 11.57
C GLY A 1 10.25 -12.07 12.89
N ILE A 2 10.28 -10.82 13.37
CA ILE A 2 9.63 -10.47 14.62
C ILE A 2 8.11 -10.48 14.47
N HIS A 3 7.48 -11.53 15.01
CA HIS A 3 6.03 -11.65 14.95
C HIS A 3 5.48 -12.27 16.23
N LYS A 4 4.40 -11.69 16.74
CA LYS A 4 3.78 -12.17 17.97
C LYS A 4 3.49 -13.67 17.87
N GLN A 5 3.32 -14.31 19.02
CA GLN A 5 3.04 -15.74 19.07
C GLN A 5 1.59 -15.99 19.48
N LYS A 6 0.65 -15.42 18.73
CA LYS A 6 -0.77 -15.59 19.03
C LYS A 6 -1.51 -16.15 17.82
N GLU A 7 -2.79 -16.44 18.00
CA GLU A 7 -3.61 -16.99 16.92
C GLU A 7 -4.02 -15.89 15.95
N LYS A 8 -4.22 -16.27 14.69
CA LYS A 8 -4.61 -15.32 13.66
C LYS A 8 -5.97 -15.68 13.07
N SER A 9 -6.77 -14.66 12.75
CA SER A 9 -8.09 -14.87 12.19
C SER A 9 -8.22 -14.21 10.83
N ARG A 10 -7.34 -14.59 9.91
CA ARG A 10 -7.35 -14.02 8.56
C ARG A 10 -7.24 -12.51 8.60
N LEU A 11 -6.45 -12.00 9.54
CA LEU A 11 -6.25 -10.56 9.69
C LEU A 11 -4.85 -10.15 9.24
N GLN A 12 -3.86 -11.01 9.52
CA GLN A 12 -2.49 -10.73 9.15
C GLN A 12 -2.40 -10.28 7.69
N GLY A 13 -3.15 -10.95 6.82
CA GLY A 13 -3.14 -10.62 5.41
C GLY A 13 -3.30 -9.12 5.18
N GLY A 14 -4.39 -8.56 5.69
CA GLY A 14 -4.64 -7.13 5.51
C GLY A 14 -4.27 -6.65 4.13
N VAL A 15 -4.46 -7.50 3.13
CA VAL A 15 -4.14 -7.15 1.76
C VAL A 15 -4.73 -5.79 1.39
N LEU A 16 -5.86 -5.45 1.99
CA LEU A 16 -6.52 -4.18 1.73
C LEU A 16 -5.53 -3.03 1.80
N VAL A 17 -4.55 -3.15 2.69
CA VAL A 17 -3.52 -2.12 2.86
C VAL A 17 -2.96 -1.69 1.51
N ASN A 18 -2.88 -2.62 0.58
CA ASN A 18 -2.36 -2.33 -0.75
C ASN A 18 -2.99 -1.07 -1.33
N GLU A 19 -4.25 -0.83 -0.95
CA GLU A 19 -4.97 0.35 -1.43
C GLU A 19 -4.13 1.61 -1.28
N ILE A 20 -3.26 1.62 -0.27
CA ILE A 20 -2.40 2.77 -0.02
C ILE A 20 -1.70 3.22 -1.30
N LEU A 21 -1.21 2.25 -2.07
CA LEU A 21 -0.51 2.56 -3.32
C LEU A 21 -1.35 3.50 -4.18
N ASN A 22 -2.63 3.18 -4.33
CA ASN A 22 -3.53 4.01 -5.13
C ASN A 22 -3.41 5.48 -4.74
N HIS A 23 -3.79 5.79 -3.51
CA HIS A 23 -3.72 7.16 -3.01
C HIS A 23 -2.33 7.75 -3.21
N MET A 24 -1.31 6.92 -2.98
CA MET A 24 0.08 7.36 -3.13
C MET A 24 0.29 8.02 -4.49
N LYS A 25 -0.47 7.57 -5.48
CA LYS A 25 -0.36 8.10 -6.83
C LYS A 25 -0.40 9.63 -6.81
N ARG A 26 -1.14 10.19 -5.86
CA ARG A 26 -1.26 11.64 -5.73
C ARG A 26 0.11 12.30 -5.76
N ALA A 27 1.14 11.55 -5.36
CA ALA A 27 2.50 12.07 -5.35
C ALA A 27 3.16 11.90 -6.70
N THR A 28 2.36 12.00 -7.76
CA THR A 28 2.87 11.85 -9.12
C THR A 28 3.99 12.85 -9.39
N GLN A 29 4.01 13.93 -8.63
CA GLN A 29 5.03 14.97 -8.79
C GLN A 29 6.39 14.45 -8.36
N ILE A 30 6.41 13.31 -7.69
CA ILE A 30 7.65 12.70 -7.22
C ILE A 30 8.37 13.63 -6.25
N PRO A 31 7.79 13.81 -5.05
CA PRO A 31 8.35 14.67 -4.02
C PRO A 31 9.63 14.08 -3.41
N SER A 32 10.16 14.76 -2.40
CA SER A 32 11.37 14.29 -1.73
C SER A 32 11.04 13.55 -0.45
N TYR A 33 9.84 12.95 -0.41
CA TYR A 33 9.40 12.21 0.77
C TYR A 33 10.27 10.97 0.99
N LYS A 34 9.80 10.07 1.85
CA LYS A 34 10.52 8.85 2.15
C LYS A 34 9.91 7.65 1.43
N LYS A 35 10.48 7.30 0.29
CA LYS A 35 9.98 6.17 -0.49
C LYS A 35 10.09 4.87 0.29
N LEU A 36 11.21 4.69 0.98
CA LEU A 36 11.43 3.48 1.78
C LEU A 36 10.28 3.27 2.76
N ILE A 37 10.21 4.11 3.79
CA ILE A 37 9.16 4.01 4.79
C ILE A 37 7.78 4.02 4.15
N MET A 38 6.92 3.11 4.58
CA MET A 38 5.57 3.03 4.05
C MET A 38 4.62 3.93 4.82
N TYR A 39 4.59 3.76 6.14
CA TYR A 39 3.72 4.57 6.99
C TYR A 39 4.34 5.94 7.26
N GLY A 1 10.71 -6.74 5.02
CA GLY A 1 9.53 -7.55 5.28
C GLY A 1 9.51 -8.11 6.68
N ILE A 2 8.58 -7.62 7.49
CA ILE A 2 8.46 -8.07 8.88
C ILE A 2 7.15 -8.83 9.09
N HIS A 3 6.15 -8.52 8.28
CA HIS A 3 4.85 -9.18 8.39
C HIS A 3 4.89 -10.55 7.73
N LYS A 4 4.00 -11.43 8.15
CA LYS A 4 3.92 -12.79 7.60
C LYS A 4 2.48 -13.16 7.26
N GLN A 5 2.31 -14.33 6.66
CA GLN A 5 0.98 -14.81 6.29
C GLN A 5 0.65 -16.12 6.99
N LYS A 6 -0.34 -16.08 7.87
CA LYS A 6 -0.76 -17.26 8.61
C LYS A 6 -2.24 -17.53 8.42
N GLU A 7 -2.73 -17.30 7.20
CA GLU A 7 -4.13 -17.51 6.88
C GLU A 7 -4.29 -18.56 5.78
N LYS A 8 -5.53 -18.84 5.42
CA LYS A 8 -5.82 -19.83 4.37
C LYS A 8 -6.10 -19.13 3.04
N SER A 9 -5.55 -17.94 2.87
CA SER A 9 -5.74 -17.18 1.65
C SER A 9 -7.23 -17.01 1.33
N ARG A 10 -8.04 -16.96 2.38
CA ARG A 10 -9.48 -16.80 2.23
C ARG A 10 -9.92 -15.38 2.58
N LEU A 11 -9.18 -14.76 3.49
CA LEU A 11 -9.48 -13.39 3.92
C LEU A 11 -8.49 -12.40 3.33
N GLN A 12 -7.21 -12.72 3.44
CA GLN A 12 -6.15 -11.86 2.92
C GLN A 12 -6.49 -10.38 3.17
N GLY A 13 -7.13 -10.11 4.30
CA GLY A 13 -7.50 -8.74 4.63
C GLY A 13 -6.34 -7.78 4.46
N GLY A 14 -5.13 -8.25 4.69
CA GLY A 14 -3.95 -7.41 4.55
C GLY A 14 -3.94 -6.64 3.25
N VAL A 15 -4.51 -7.23 2.20
CA VAL A 15 -4.57 -6.59 0.90
C VAL A 15 -5.06 -5.16 1.01
N LEU A 16 -5.97 -4.93 1.95
CA LEU A 16 -6.53 -3.59 2.16
C LEU A 16 -5.43 -2.55 2.22
N VAL A 17 -4.48 -2.74 3.14
CA VAL A 17 -3.37 -1.82 3.30
C VAL A 17 -2.73 -1.49 1.96
N ASN A 18 -2.53 -2.52 1.14
CA ASN A 18 -1.92 -2.34 -0.17
C ASN A 18 -2.59 -1.19 -0.93
N GLU A 19 -3.89 -1.02 -0.72
CA GLU A 19 -4.64 0.04 -1.38
C GLU A 19 -3.92 1.37 -1.26
N ILE A 20 -3.13 1.52 -0.20
CA ILE A 20 -2.37 2.75 0.03
C ILE A 20 -1.67 3.20 -1.25
N LEU A 21 -1.11 2.25 -1.98
CA LEU A 21 -0.40 2.56 -3.22
C LEU A 21 -1.26 3.44 -4.13
N ASN A 22 -2.53 3.09 -4.26
CA ASN A 22 -3.46 3.86 -5.09
C ASN A 22 -3.41 5.33 -4.75
N HIS A 23 -3.85 5.67 -3.53
CA HIS A 23 -3.85 7.06 -3.08
C HIS A 23 -2.48 7.70 -3.27
N MET A 24 -1.43 6.93 -3.02
CA MET A 24 -0.06 7.42 -3.16
C MET A 24 0.14 8.07 -4.52
N LYS A 25 -0.62 7.60 -5.52
CA LYS A 25 -0.53 8.14 -6.87
C LYS A 25 -0.58 9.66 -6.86
N ARG A 26 -1.32 10.21 -5.89
CA ARG A 26 -1.45 11.66 -5.76
C ARG A 26 -0.08 12.34 -5.80
N ALA A 27 0.93 11.64 -5.30
CA ALA A 27 2.29 12.18 -5.27
C ALA A 27 3.02 11.89 -6.58
N THR A 28 2.25 11.83 -7.67
CA THR A 28 2.83 11.56 -8.98
C THR A 28 3.92 10.49 -8.90
N GLN A 29 3.73 9.53 -7.99
CA GLN A 29 4.69 8.46 -7.82
C GLN A 29 4.70 7.52 -9.03
N ILE A 30 3.72 7.68 -9.89
CA ILE A 30 3.61 6.85 -11.09
C ILE A 30 3.35 5.40 -10.72
N PRO A 31 2.11 5.09 -10.31
CA PRO A 31 1.71 3.73 -9.93
C PRO A 31 1.65 2.78 -11.12
N SER A 32 1.72 1.49 -10.85
CA SER A 32 1.68 0.48 -11.90
C SER A 32 0.36 -0.27 -11.88
N TYR A 33 -0.68 0.39 -11.38
CA TYR A 33 -2.01 -0.21 -11.31
C TYR A 33 -2.52 -0.60 -12.69
N LYS A 34 -3.77 -1.01 -12.77
CA LYS A 34 -4.38 -1.41 -14.03
C LYS A 34 -4.76 -0.19 -14.86
N LYS A 35 -3.75 0.59 -15.25
CA LYS A 35 -3.97 1.78 -16.04
C LYS A 35 -4.28 1.42 -17.50
N LEU A 36 -3.79 0.25 -17.92
CA LEU A 36 -4.01 -0.21 -19.29
C LEU A 36 -5.50 -0.21 -19.63
N ILE A 37 -6.31 -0.69 -18.69
CA ILE A 37 -7.76 -0.74 -18.89
C ILE A 37 -8.50 -0.10 -17.71
N MET A 38 -9.48 0.74 -18.03
CA MET A 38 -10.27 1.40 -17.00
C MET A 38 -11.34 0.47 -16.44
N TYR A 39 -11.95 -0.31 -17.31
CA TYR A 39 -12.99 -1.25 -16.91
C TYR A 39 -12.39 -2.51 -16.30
N GLY A 1 12.83 -9.02 13.93
CA GLY A 1 13.27 -10.23 13.25
C GLY A 1 14.27 -9.94 12.15
N ILE A 2 15.39 -9.33 12.52
CA ILE A 2 16.44 -9.00 11.55
C ILE A 2 17.14 -10.26 11.05
N HIS A 3 17.15 -11.29 11.89
CA HIS A 3 17.80 -12.55 11.55
C HIS A 3 16.85 -13.72 11.72
N LYS A 4 15.55 -13.45 11.61
CA LYS A 4 14.53 -14.48 11.76
C LYS A 4 13.17 -13.97 11.30
N GLN A 5 12.45 -14.80 10.55
CA GLN A 5 11.13 -14.43 10.05
C GLN A 5 10.06 -15.35 10.63
N LYS A 6 8.80 -14.96 10.44
CA LYS A 6 7.67 -15.75 10.94
C LYS A 6 6.82 -16.27 9.80
N GLU A 7 5.80 -17.05 10.13
CA GLU A 7 4.90 -17.61 9.12
C GLU A 7 3.69 -16.72 8.92
N LYS A 8 3.25 -16.07 10.00
CA LYS A 8 2.09 -15.19 9.94
C LYS A 8 2.49 -13.81 9.43
N SER A 9 2.90 -13.75 8.16
CA SER A 9 3.32 -12.49 7.55
C SER A 9 2.22 -11.43 7.69
N ARG A 10 1.04 -11.74 7.18
CA ARG A 10 -0.09 -10.82 7.23
C ARG A 10 -1.37 -11.50 6.77
N LEU A 11 -2.42 -11.40 7.57
CA LEU A 11 -3.70 -12.01 7.24
C LEU A 11 -4.17 -11.55 5.85
N GLN A 12 -5.06 -12.33 5.25
CA GLN A 12 -5.59 -12.02 3.93
C GLN A 12 -6.04 -10.56 3.86
N GLY A 13 -6.90 -10.16 4.80
CA GLY A 13 -7.40 -8.80 4.83
C GLY A 13 -6.27 -7.78 4.71
N GLY A 14 -5.10 -8.12 5.24
CA GLY A 14 -3.97 -7.21 5.17
C GLY A 14 -3.76 -6.65 3.79
N VAL A 15 -4.06 -7.45 2.77
CA VAL A 15 -3.90 -7.03 1.39
C VAL A 15 -4.49 -5.64 1.15
N LEU A 16 -5.57 -5.35 1.86
CA LEU A 16 -6.23 -4.05 1.74
C LEU A 16 -5.23 -2.91 1.82
N VAL A 17 -4.18 -3.11 2.61
CA VAL A 17 -3.14 -2.10 2.77
C VAL A 17 -2.67 -1.58 1.43
N ASN A 18 -2.52 -2.48 0.47
CA ASN A 18 -2.07 -2.12 -0.87
C ASN A 18 -2.85 -0.92 -1.39
N GLU A 19 -4.12 -0.82 -0.99
CA GLU A 19 -4.97 0.28 -1.42
C GLU A 19 -4.26 1.62 -1.26
N ILE A 20 -3.39 1.71 -0.26
CA ILE A 20 -2.64 2.93 -0.01
C ILE A 20 -2.02 3.47 -1.28
N LEU A 21 -1.53 2.56 -2.12
CA LEU A 21 -0.90 2.95 -3.38
C LEU A 21 -1.80 3.89 -4.17
N ASN A 22 -3.11 3.60 -4.16
CA ASN A 22 -4.08 4.42 -4.87
C ASN A 22 -3.87 5.90 -4.57
N HIS A 23 -4.17 6.30 -3.34
CA HIS A 23 -4.01 7.70 -2.93
C HIS A 23 -2.57 8.16 -3.15
N MET A 24 -1.63 7.43 -2.56
CA MET A 24 -0.22 7.78 -2.68
C MET A 24 0.15 8.07 -4.13
N LYS A 25 -0.50 7.36 -5.06
CA LYS A 25 -0.24 7.55 -6.48
C LYS A 25 -0.28 9.03 -6.85
N ARG A 26 -1.22 9.76 -6.26
CA ARG A 26 -1.36 11.19 -6.52
C ARG A 26 -0.02 11.90 -6.41
N ALA A 27 0.84 11.40 -5.51
CA ALA A 27 2.16 11.99 -5.30
C ALA A 27 3.17 11.42 -6.28
N THR A 28 2.70 11.07 -7.48
CA THR A 28 3.57 10.52 -8.51
C THR A 28 4.69 11.49 -8.86
N GLN A 29 4.47 12.77 -8.58
CA GLN A 29 5.46 13.80 -8.87
C GLN A 29 6.59 13.77 -7.84
N ILE A 30 6.38 13.04 -6.76
CA ILE A 30 7.37 12.94 -5.70
C ILE A 30 7.37 11.54 -5.08
N PRO A 31 7.81 10.54 -5.84
CA PRO A 31 7.87 9.16 -5.39
C PRO A 31 8.94 8.94 -4.32
N SER A 32 8.73 7.94 -3.47
CA SER A 32 9.67 7.63 -2.40
C SER A 32 10.12 6.17 -2.48
N TYR A 33 10.14 5.63 -3.69
CA TYR A 33 10.54 4.24 -3.89
C TYR A 33 11.99 4.03 -3.45
N LYS A 34 12.50 2.83 -3.72
CA LYS A 34 13.88 2.50 -3.35
C LYS A 34 14.83 2.76 -4.51
N LYS A 35 15.96 3.39 -4.22
CA LYS A 35 16.95 3.70 -5.23
C LYS A 35 18.19 2.83 -5.07
N LEU A 36 18.02 1.66 -4.47
CA LEU A 36 19.12 0.73 -4.26
C LEU A 36 19.22 -0.28 -5.40
N ILE A 37 18.13 -0.42 -6.15
CA ILE A 37 18.09 -1.34 -7.27
C ILE A 37 17.81 -0.61 -8.58
N MET A 38 18.18 -1.23 -9.70
CA MET A 38 17.96 -0.64 -11.01
C MET A 38 16.56 -0.97 -11.53
N TYR A 39 16.25 -2.26 -11.57
CA TYR A 39 14.95 -2.71 -12.05
C TYR A 39 13.82 -2.13 -11.20
N GLY A 1 -1.44 0.45 11.58
CA GLY A 1 -1.66 -0.17 12.87
C GLY A 1 -1.81 -1.67 12.77
N ILE A 2 -1.20 -2.38 13.73
CA ILE A 2 -1.26 -3.84 13.74
C ILE A 2 -2.38 -4.33 14.65
N HIS A 3 -3.34 -5.04 14.06
CA HIS A 3 -4.47 -5.58 14.82
C HIS A 3 -4.31 -7.08 15.04
N LYS A 4 -4.20 -7.48 16.30
CA LYS A 4 -4.05 -8.89 16.63
C LYS A 4 -4.72 -9.20 17.97
N GLN A 5 -4.98 -10.49 18.21
CA GLN A 5 -5.62 -10.91 19.45
C GLN A 5 -4.59 -11.42 20.45
N LYS A 6 -3.85 -12.45 20.05
CA LYS A 6 -2.82 -13.02 20.92
C LYS A 6 -1.45 -12.97 20.24
N GLU A 7 -1.43 -13.23 18.94
CA GLU A 7 -0.19 -13.21 18.17
C GLU A 7 -0.36 -12.46 16.87
N LYS A 8 -1.09 -13.07 15.93
CA LYS A 8 -1.34 -12.45 14.63
C LYS A 8 -2.77 -12.70 14.18
N SER A 9 -3.27 -11.83 13.31
CA SER A 9 -4.63 -11.95 12.80
C SER A 9 -4.84 -11.02 11.61
N ARG A 10 -5.96 -11.23 10.90
CA ARG A 10 -6.28 -10.42 9.73
C ARG A 10 -5.18 -10.51 8.68
N LEU A 11 -4.75 -11.75 8.41
CA LEU A 11 -3.70 -11.99 7.42
C LEU A 11 -4.17 -11.57 6.02
N GLN A 12 -5.05 -12.38 5.43
CA GLN A 12 -5.58 -12.10 4.10
C GLN A 12 -6.04 -10.65 3.99
N GLY A 13 -6.93 -10.26 4.90
CA GLY A 13 -7.46 -8.90 4.89
C GLY A 13 -6.35 -7.86 4.79
N GLY A 14 -5.19 -8.18 5.36
CA GLY A 14 -4.07 -7.25 5.32
C GLY A 14 -3.82 -6.71 3.93
N VAL A 15 -4.06 -7.53 2.92
CA VAL A 15 -3.86 -7.13 1.53
C VAL A 15 -4.49 -5.77 1.26
N LEU A 16 -5.59 -5.49 1.94
CA LEU A 16 -6.30 -4.22 1.77
C LEU A 16 -5.33 -3.05 1.83
N VAL A 17 -4.28 -3.19 2.64
CA VAL A 17 -3.29 -2.14 2.78
C VAL A 17 -2.81 -1.63 1.42
N ASN A 18 -2.79 -2.53 0.44
CA ASN A 18 -2.37 -2.18 -0.91
C ASN A 18 -3.07 -0.91 -1.39
N GLU A 19 -4.30 -0.72 -0.93
CA GLU A 19 -5.08 0.45 -1.31
C GLU A 19 -4.26 1.73 -1.15
N ILE A 20 -3.35 1.72 -0.18
CA ILE A 20 -2.50 2.87 0.07
C ILE A 20 -1.88 3.41 -1.22
N LEU A 21 -1.47 2.50 -2.09
CA LEU A 21 -0.88 2.88 -3.37
C LEU A 21 -1.77 3.86 -4.11
N ASN A 22 -3.04 3.52 -4.23
CA ASN A 22 -4.00 4.37 -4.93
C ASN A 22 -3.73 5.85 -4.63
N HIS A 23 -3.95 6.25 -3.39
CA HIS A 23 -3.74 7.63 -2.97
C HIS A 23 -2.29 8.05 -3.24
N MET A 24 -1.35 7.22 -2.78
CA MET A 24 0.07 7.50 -2.97
C MET A 24 0.36 7.93 -4.40
N LYS A 25 -0.33 7.31 -5.35
CA LYS A 25 -0.16 7.61 -6.76
C LYS A 25 -0.18 9.12 -7.00
N ARG A 26 -1.15 9.79 -6.38
CA ARG A 26 -1.29 11.24 -6.52
C ARG A 26 0.05 11.93 -6.31
N ALA A 27 0.82 11.43 -5.36
CA ALA A 27 2.13 12.00 -5.06
C ALA A 27 2.98 12.14 -6.33
N THR A 28 3.04 11.06 -7.11
CA THR A 28 3.82 11.06 -8.34
C THR A 28 3.33 12.15 -9.29
N GLN A 29 2.09 12.58 -9.11
CA GLN A 29 1.50 13.62 -9.96
C GLN A 29 1.98 14.99 -9.53
N ILE A 30 2.61 15.07 -8.36
CA ILE A 30 3.12 16.34 -7.83
C ILE A 30 1.97 17.30 -7.55
N PRO A 31 1.19 17.01 -6.50
CA PRO A 31 0.06 17.85 -6.09
C PRO A 31 0.50 19.18 -5.52
N SER A 32 -0.45 19.93 -4.96
CA SER A 32 -0.16 21.23 -4.38
C SER A 32 -0.33 21.20 -2.86
N TYR A 33 -1.29 20.40 -2.41
CA TYR A 33 -1.56 20.28 -0.98
C TYR A 33 -0.43 19.55 -0.26
N LYS A 34 -0.65 19.22 1.00
CA LYS A 34 0.34 18.52 1.80
C LYS A 34 -0.19 17.19 2.31
N LYS A 35 0.56 16.12 2.10
CA LYS A 35 0.15 14.79 2.54
C LYS A 35 1.01 14.32 3.70
N LEU A 36 1.56 15.27 4.46
CA LEU A 36 2.40 14.95 5.61
C LEU A 36 1.56 14.42 6.76
N ILE A 37 0.30 14.84 6.81
CA ILE A 37 -0.61 14.40 7.87
C ILE A 37 -0.72 12.88 7.91
N MET A 38 -0.68 12.33 9.11
CA MET A 38 -0.79 10.88 9.29
C MET A 38 -2.23 10.46 9.56
N TYR A 39 -2.85 11.12 10.54
CA TYR A 39 -4.23 10.81 10.90
C TYR A 39 -5.17 11.04 9.72
N GLY A 1 -14.68 -2.38 21.99
CA GLY A 1 -13.56 -1.98 21.14
C GLY A 1 -13.10 -3.10 20.23
N ILE A 2 -13.47 -3.02 18.96
CA ILE A 2 -13.07 -4.04 17.99
C ILE A 2 -11.69 -3.74 17.41
N HIS A 3 -11.48 -2.51 16.99
CA HIS A 3 -10.20 -2.10 16.42
C HIS A 3 -9.11 -2.08 17.50
N LYS A 4 -7.93 -2.57 17.14
CA LYS A 4 -6.80 -2.60 18.07
C LYS A 4 -5.51 -2.17 17.38
N GLN A 5 -4.74 -1.33 18.06
CA GLN A 5 -3.49 -0.84 17.51
C GLN A 5 -2.47 -1.97 17.39
N LYS A 6 -1.97 -2.17 16.17
CA LYS A 6 -0.99 -3.22 15.90
C LYS A 6 -0.28 -2.98 14.58
N GLU A 7 0.92 -3.54 14.46
CA GLU A 7 1.72 -3.38 13.24
C GLU A 7 1.97 -4.73 12.58
N LYS A 8 1.05 -5.67 12.79
CA LYS A 8 1.17 -7.00 12.21
C LYS A 8 0.01 -7.29 11.26
N SER A 9 -0.04 -6.55 10.15
CA SER A 9 -1.10 -6.73 9.17
C SER A 9 -0.74 -7.83 8.17
N ARG A 10 -0.76 -9.07 8.63
CA ARG A 10 -0.43 -10.21 7.77
C ARG A 10 -1.69 -10.97 7.37
N LEU A 11 -2.71 -10.90 8.21
CA LEU A 11 -3.97 -11.58 7.95
C LEU A 11 -4.50 -11.22 6.56
N GLN A 12 -5.47 -12.00 6.09
CA GLN A 12 -6.05 -11.76 4.78
C GLN A 12 -6.43 -10.30 4.60
N GLY A 13 -7.25 -9.78 5.50
CA GLY A 13 -7.67 -8.40 5.44
C GLY A 13 -6.51 -7.45 5.23
N GLY A 14 -5.35 -7.82 5.77
CA GLY A 14 -4.17 -6.98 5.63
C GLY A 14 -3.94 -6.54 4.20
N VAL A 15 -4.29 -7.40 3.25
CA VAL A 15 -4.12 -7.10 1.83
C VAL A 15 -4.66 -5.72 1.50
N LEU A 16 -5.70 -5.31 2.21
CA LEU A 16 -6.31 -4.00 1.99
C LEU A 16 -5.27 -2.91 1.93
N VAL A 17 -4.20 -3.08 2.71
CA VAL A 17 -3.12 -2.10 2.74
C VAL A 17 -2.67 -1.72 1.33
N ASN A 18 -2.75 -2.68 0.41
CA ASN A 18 -2.37 -2.43 -0.97
C ASN A 18 -3.01 -1.16 -1.50
N GLU A 19 -4.21 -0.85 -1.03
CA GLU A 19 -4.92 0.34 -1.46
C GLU A 19 -4.01 1.57 -1.40
N ILE A 20 -3.02 1.52 -0.51
CA ILE A 20 -2.08 2.62 -0.35
C ILE A 20 -1.58 3.11 -1.70
N LEU A 21 -1.28 2.17 -2.59
CA LEU A 21 -0.79 2.50 -3.92
C LEU A 21 -1.68 3.55 -4.59
N ASN A 22 -2.99 3.36 -4.49
CA ASN A 22 -3.95 4.29 -5.07
C ASN A 22 -3.64 5.73 -4.66
N HIS A 23 -3.79 6.01 -3.36
CA HIS A 23 -3.52 7.33 -2.82
C HIS A 23 -2.14 7.83 -3.25
N MET A 24 -1.17 6.93 -3.23
CA MET A 24 0.20 7.26 -3.61
C MET A 24 0.22 7.97 -4.97
N LYS A 25 -0.73 7.63 -5.83
CA LYS A 25 -0.82 8.24 -7.15
C LYS A 25 -0.71 9.75 -7.06
N ARG A 26 -1.48 10.35 -6.16
CA ARG A 26 -1.47 11.79 -5.97
C ARG A 26 -0.03 12.31 -5.87
N ALA A 27 0.72 11.77 -4.92
CA ALA A 27 2.11 12.19 -4.72
C ALA A 27 2.89 12.14 -6.02
N THR A 28 2.51 11.20 -6.89
CA THR A 28 3.19 11.04 -8.19
C THR A 28 4.70 11.22 -8.04
N GLN A 29 5.24 10.79 -6.90
CA GLN A 29 6.66 10.91 -6.65
C GLN A 29 7.45 9.85 -7.42
N ILE A 30 6.72 8.95 -8.08
CA ILE A 30 7.35 7.89 -8.85
C ILE A 30 8.13 6.95 -7.96
N PRO A 31 7.41 6.10 -7.20
CA PRO A 31 8.02 5.13 -6.29
C PRO A 31 8.74 4.00 -7.03
N SER A 32 9.93 4.30 -7.54
CA SER A 32 10.72 3.31 -8.27
C SER A 32 11.33 2.28 -7.33
N TYR A 33 11.51 2.68 -6.07
CA TYR A 33 12.09 1.81 -5.06
C TYR A 33 11.22 0.56 -4.86
N LYS A 34 11.51 -0.19 -3.80
CA LYS A 34 10.75 -1.40 -3.50
C LYS A 34 10.20 -1.35 -2.07
N LYS A 35 10.93 -0.68 -1.19
CA LYS A 35 10.52 -0.54 0.20
C LYS A 35 9.07 -0.10 0.30
N LEU A 36 8.55 -0.05 1.53
CA LEU A 36 7.17 0.37 1.76
C LEU A 36 7.10 1.44 2.83
N ILE A 37 7.40 1.06 4.07
CA ILE A 37 7.37 2.00 5.18
C ILE A 37 8.45 3.07 5.03
N MET A 38 8.57 3.94 6.03
CA MET A 38 9.56 5.00 6.01
C MET A 38 10.94 4.47 6.42
N TYR A 39 10.97 3.63 7.44
CA TYR A 39 12.21 3.05 7.93
C TYR A 39 12.73 1.98 6.96
#